data_1E3J
#
_entry.id   1E3J
#
_cell.length_a   78.822
_cell.length_b   98.395
_cell.length_c   120.924
_cell.angle_alpha   90.00
_cell.angle_beta   90.00
_cell.angle_gamma   90.00
#
_symmetry.space_group_name_H-M   'I 2 2 2'
#
loop_
_entity.id
_entity.type
_entity.pdbx_description
1 polymer 'NADP(H)-DEPENDENT KETOSE REDUCTASE'
2 non-polymer 'ZINC ION'
3 non-polymer 'PHOSPHATE ION'
4 non-polymer 'BORIC ACID'
5 water water
#
_entity_poly.entity_id   1
_entity_poly.type   'polypeptide(L)'
_entity_poly.pdbx_seq_one_letter_code
;MASDNLSAVLYKQNDLRLEQRPIPEPKEDEVLLQMAYVGICGSDVHYYEHGRIADFIVKDPMVIGHEASGTVVKVGKNVK
HLKKGDRVAVEPGVPCRRCQFCKEGKYNLCPDLTFCATPPDDGNLARYYVHAADFCHKLPDNVSLEEGALLEPLSVGVHA
CRRAGVQLGTTVLVIGAGPIGLVSVLAAKAYGAFVVCTARSPRRLEVAKNCGADVTLVVDPAKEEESSIIERIRSAIGDL
PNVTIDCSGNEKCITIGINITRTGGTLMLVGMGSQMVTVPLVNACAREIDIKSVFRYCNDYPIALEMVASGRCNVKQLVT
HSFKLEQTVDAFEAARKKADNTIKVMISCRQG
;
_entity_poly.pdbx_strand_id   A
#
loop_
_chem_comp.id
_chem_comp.type
_chem_comp.name
_chem_comp.formula
BO3 non-polymer 'BORIC ACID' 'B H3 O3'
PO4 non-polymer 'PHOSPHATE ION' 'O4 P -3'
ZN non-polymer 'ZINC ION' 'Zn 2'
#
# COMPACT_ATOMS: atom_id res chain seq x y z
N ASP A 4 -17.94 -23.84 -3.27
CA ASP A 4 -16.48 -23.83 -3.53
C ASP A 4 -16.05 -22.42 -3.95
N ASN A 5 -16.87 -21.43 -3.62
CA ASN A 5 -16.54 -20.04 -3.86
C ASN A 5 -16.98 -19.14 -2.70
N LEU A 6 -16.50 -19.49 -1.51
CA LEU A 6 -16.78 -18.70 -0.31
C LEU A 6 -16.20 -17.31 -0.60
N SER A 7 -16.88 -16.27 -0.15
CA SER A 7 -16.44 -14.90 -0.41
C SER A 7 -16.74 -14.07 0.81
N ALA A 8 -15.90 -13.07 1.10
CA ALA A 8 -16.16 -12.22 2.24
C ALA A 8 -16.97 -11.00 1.77
N VAL A 9 -18.28 -11.01 2.04
CA VAL A 9 -19.18 -9.93 1.62
C VAL A 9 -19.54 -8.91 2.70
N LEU A 10 -19.27 -7.64 2.44
CA LEU A 10 -19.59 -6.59 3.38
C LEU A 10 -20.96 -6.02 3.04
N TYR A 11 -21.92 -6.19 3.95
CA TYR A 11 -23.29 -5.71 3.73
C TYR A 11 -23.47 -4.27 4.19
N LYS A 12 -22.72 -3.85 5.19
CA LYS A 12 -22.81 -2.49 5.69
C LYS A 12 -21.88 -2.48 6.85
N GLN A 13 -21.72 -1.33 7.48
CA GLN A 13 -20.80 -1.22 8.60
C GLN A 13 -20.95 -2.35 9.61
N ASN A 14 -19.85 -3.04 9.88
CA ASN A 14 -19.81 -4.16 10.81
C ASN A 14 -20.54 -5.42 10.43
N ASP A 15 -21.11 -5.46 9.23
CA ASP A 15 -21.81 -6.66 8.81
C ASP A 15 -21.03 -7.29 7.65
N LEU A 16 -20.06 -8.13 8.00
CA LEU A 16 -19.22 -8.81 7.03
C LEU A 16 -19.57 -10.29 7.10
N ARG A 17 -20.12 -10.80 6.02
CA ARG A 17 -20.55 -12.18 5.98
C ARG A 17 -19.76 -13.07 5.05
N LEU A 18 -19.39 -14.26 5.49
CA LEU A 18 -18.67 -15.20 4.65
C LEU A 18 -19.68 -16.07 3.95
N GLU A 19 -19.93 -15.82 2.68
CA GLU A 19 -20.91 -16.64 1.99
C GLU A 19 -20.51 -16.95 0.58
N GLN A 20 -21.20 -17.94 0.00
CA GLN A 20 -20.98 -18.36 -1.35
C GLN A 20 -21.39 -17.28 -2.38
N ARG A 21 -20.72 -17.31 -3.52
CA ARG A 21 -21.02 -16.41 -4.63
C ARG A 21 -20.85 -17.28 -5.84
N PRO A 22 -21.54 -16.97 -6.93
CA PRO A 22 -21.30 -17.86 -8.07
C PRO A 22 -19.86 -17.65 -8.60
N ILE A 23 -19.31 -18.65 -9.27
CA ILE A 23 -17.96 -18.51 -9.82
C ILE A 23 -18.07 -17.62 -11.08
N PRO A 24 -17.30 -16.54 -11.12
CA PRO A 24 -17.31 -15.61 -12.25
C PRO A 24 -16.80 -16.23 -13.55
N GLU A 25 -17.24 -15.66 -14.66
CA GLU A 25 -16.83 -16.11 -15.98
C GLU A 25 -16.03 -14.98 -16.67
N PRO A 26 -14.82 -15.29 -17.19
CA PRO A 26 -13.88 -14.40 -17.88
C PRO A 26 -14.31 -13.85 -19.24
N LYS A 27 -14.28 -12.53 -19.40
CA LYS A 27 -14.60 -11.96 -20.70
C LYS A 27 -13.38 -12.13 -21.62
N GLU A 28 -13.50 -11.67 -22.87
CA GLU A 28 -12.44 -11.85 -23.86
C GLU A 28 -11.04 -11.48 -23.41
N ASP A 29 -10.96 -10.39 -22.66
CA ASP A 29 -9.70 -9.84 -22.16
C ASP A 29 -9.35 -10.12 -20.70
N GLU A 30 -10.08 -11.04 -20.05
CA GLU A 30 -9.88 -11.33 -18.63
C GLU A 30 -9.37 -12.72 -18.37
N VAL A 31 -9.05 -13.01 -17.12
CA VAL A 31 -8.62 -14.35 -16.74
C VAL A 31 -9.33 -14.68 -15.46
N LEU A 32 -9.53 -15.97 -15.23
CA LEU A 32 -10.19 -16.47 -14.04
C LEU A 32 -9.10 -16.86 -13.09
N LEU A 33 -9.19 -16.35 -11.87
CA LEU A 33 -8.18 -16.68 -10.87
C LEU A 33 -8.69 -17.47 -9.69
N GLN A 34 -7.88 -18.43 -9.26
CA GLN A 34 -8.17 -19.20 -8.06
C GLN A 34 -7.32 -18.42 -7.07
N MET A 35 -7.95 -17.62 -6.22
CA MET A 35 -7.19 -16.77 -5.32
C MET A 35 -6.27 -17.53 -4.40
N ALA A 36 -5.18 -16.87 -4.01
CA ALA A 36 -4.22 -17.48 -3.10
C ALA A 36 -4.06 -16.71 -1.77
N TYR A 37 -3.68 -15.43 -1.85
CA TYR A 37 -3.50 -14.62 -0.67
C TYR A 37 -4.13 -13.23 -0.87
N VAL A 38 -4.60 -12.65 0.23
CA VAL A 38 -5.22 -11.35 0.20
C VAL A 38 -4.83 -10.64 1.49
N GLY A 39 -4.12 -9.53 1.34
CA GLY A 39 -3.70 -8.77 2.50
C GLY A 39 -4.78 -7.76 2.79
N ILE A 40 -4.80 -7.23 3.99
CA ILE A 40 -5.82 -6.24 4.30
C ILE A 40 -5.16 -5.01 4.88
N CYS A 41 -5.76 -3.85 4.69
CA CYS A 41 -5.18 -2.63 5.21
C CYS A 41 -6.22 -1.77 5.91
N GLY A 42 -5.78 -0.60 6.39
CA GLY A 42 -6.68 0.29 7.10
C GLY A 42 -7.92 0.64 6.30
N SER A 43 -7.73 0.76 5.00
CA SER A 43 -8.84 1.08 4.11
C SER A 43 -9.94 0.03 4.18
N ASP A 44 -9.57 -1.26 4.19
CA ASP A 44 -10.60 -2.31 4.30
C ASP A 44 -11.25 -2.19 5.69
N VAL A 45 -10.41 -2.08 6.71
CA VAL A 45 -10.92 -1.96 8.07
C VAL A 45 -11.90 -0.79 8.20
N HIS A 46 -11.56 0.34 7.62
CA HIS A 46 -12.41 1.51 7.70
C HIS A 46 -13.75 1.27 7.01
N TYR A 47 -13.74 0.59 5.88
CA TYR A 47 -15.01 0.31 5.23
C TYR A 47 -15.86 -0.55 6.18
N TYR A 48 -15.17 -1.47 6.84
CA TYR A 48 -15.75 -2.42 7.79
C TYR A 48 -16.41 -1.77 9.01
N GLU A 49 -15.71 -0.85 9.66
CA GLU A 49 -16.23 -0.17 10.83
C GLU A 49 -17.32 0.86 10.53
N HIS A 50 -17.04 1.74 9.57
CA HIS A 50 -17.95 2.82 9.20
C HIS A 50 -18.79 2.59 7.94
N GLY A 51 -18.54 1.50 7.23
CA GLY A 51 -19.31 1.24 6.02
C GLY A 51 -19.09 2.24 4.89
N ARG A 52 -17.99 2.97 4.95
CA ARG A 52 -17.64 3.98 3.95
C ARG A 52 -16.23 4.51 4.25
N ILE A 53 -15.42 4.76 3.22
CA ILE A 53 -14.06 5.25 3.46
C ILE A 53 -13.86 6.67 2.96
N ALA A 54 -14.96 7.32 2.60
CA ALA A 54 -14.94 8.71 2.12
C ALA A 54 -16.34 9.09 1.67
N ASP A 55 -16.44 9.57 0.43
CA ASP A 55 -17.73 9.91 -0.13
C ASP A 55 -18.04 8.62 -0.85
N PHE A 56 -17.08 7.70 -0.79
CA PHE A 56 -17.22 6.38 -1.39
C PHE A 56 -17.92 5.53 -0.33
N ILE A 57 -19.26 5.42 -0.44
CA ILE A 57 -20.03 4.66 0.53
C ILE A 57 -20.58 3.33 0.01
N VAL A 58 -20.51 2.31 0.87
CA VAL A 58 -21.00 0.97 0.52
C VAL A 58 -22.52 0.98 0.62
N LYS A 59 -23.16 1.18 -0.53
CA LYS A 59 -24.60 1.25 -0.61
C LYS A 59 -25.22 -0.13 -0.66
N ASP A 60 -24.54 -1.07 -1.30
CA ASP A 60 -25.01 -2.44 -1.45
C ASP A 60 -23.90 -3.42 -1.08
N PRO A 61 -24.24 -4.70 -0.79
CA PRO A 61 -23.22 -5.68 -0.43
C PRO A 61 -22.06 -5.66 -1.44
N MET A 62 -20.84 -5.72 -0.92
CA MET A 62 -19.66 -5.65 -1.76
C MET A 62 -18.58 -6.63 -1.29
N VAL A 63 -18.07 -7.47 -2.21
CA VAL A 63 -16.97 -8.37 -1.82
C VAL A 63 -15.82 -7.44 -1.45
N ILE A 64 -15.15 -7.76 -0.37
CA ILE A 64 -14.06 -6.98 0.19
C ILE A 64 -12.71 -7.55 -0.35
N GLY A 65 -11.61 -6.83 -0.11
CA GLY A 65 -10.30 -7.32 -0.54
C GLY A 65 -9.69 -6.70 -1.79
N HIS A 66 -8.45 -6.21 -1.71
CA HIS A 66 -7.78 -5.65 -2.88
C HIS A 66 -6.25 -5.85 -2.96
N GLU A 67 -5.63 -6.56 -2.04
CA GLU A 67 -4.18 -6.77 -2.08
C GLU A 67 -4.03 -8.26 -2.28
N ALA A 68 -4.03 -8.69 -3.54
CA ALA A 68 -4.04 -10.10 -3.82
C ALA A 68 -3.17 -10.70 -4.89
N SER A 69 -3.23 -12.03 -4.92
CA SER A 69 -2.52 -12.83 -5.89
C SER A 69 -3.34 -14.11 -6.07
N GLY A 70 -2.95 -14.92 -7.03
CA GLY A 70 -3.68 -16.15 -7.28
C GLY A 70 -3.16 -16.81 -8.53
N THR A 71 -3.78 -17.93 -8.88
CA THR A 71 -3.36 -18.71 -10.03
C THR A 71 -4.36 -18.69 -11.17
N VAL A 72 -3.86 -18.52 -12.40
CA VAL A 72 -4.72 -18.48 -13.56
C VAL A 72 -5.32 -19.86 -13.78
N VAL A 73 -6.64 -19.89 -13.83
CA VAL A 73 -7.32 -21.14 -14.03
C VAL A 73 -7.86 -21.22 -15.45
N LYS A 74 -8.40 -20.10 -15.94
CA LYS A 74 -9.03 -20.05 -17.26
C LYS A 74 -8.79 -18.66 -17.84
N VAL A 75 -8.63 -18.57 -19.15
CA VAL A 75 -8.40 -17.27 -19.78
C VAL A 75 -9.36 -16.99 -20.91
N GLY A 76 -9.78 -15.73 -21.03
CA GLY A 76 -10.67 -15.28 -22.09
C GLY A 76 -10.02 -15.42 -23.47
N LYS A 77 -10.85 -15.41 -24.52
CA LYS A 77 -10.37 -15.61 -25.89
C LYS A 77 -9.12 -14.86 -26.36
N ASN A 78 -9.14 -13.54 -26.23
CA ASN A 78 -8.01 -12.74 -26.70
C ASN A 78 -6.79 -12.66 -25.80
N VAL A 79 -6.85 -13.31 -24.64
CA VAL A 79 -5.71 -13.30 -23.72
C VAL A 79 -4.60 -14.21 -24.24
N LYS A 80 -3.45 -13.62 -24.54
CA LYS A 80 -2.34 -14.40 -25.05
C LYS A 80 -1.11 -14.49 -24.16
N HIS A 81 -0.87 -13.47 -23.34
CA HIS A 81 0.32 -13.48 -22.48
C HIS A 81 0.24 -14.33 -21.20
N LEU A 82 -0.96 -14.65 -20.75
CA LEU A 82 -1.11 -15.49 -19.55
C LEU A 82 -1.80 -16.77 -19.94
N LYS A 83 -1.42 -17.86 -19.28
CA LYS A 83 -2.04 -19.16 -19.54
C LYS A 83 -2.34 -19.86 -18.23
N LYS A 84 -3.20 -20.86 -18.29
CA LYS A 84 -3.59 -21.63 -17.11
C LYS A 84 -2.39 -22.04 -16.29
N GLY A 85 -2.51 -21.91 -14.96
CA GLY A 85 -1.41 -22.29 -14.11
C GLY A 85 -0.42 -21.18 -13.78
N ASP A 86 -0.48 -20.06 -14.50
CA ASP A 86 0.43 -18.97 -14.21
C ASP A 86 0.10 -18.33 -12.85
N ARG A 87 1.12 -17.99 -12.08
CA ARG A 87 0.93 -17.35 -10.79
C ARG A 87 1.04 -15.86 -11.00
N VAL A 88 0.04 -15.13 -10.51
CA VAL A 88 0.00 -13.69 -10.66
C VAL A 88 -0.36 -12.85 -9.44
N ALA A 89 0.10 -11.61 -9.49
CA ALA A 89 -0.20 -10.62 -8.49
C ALA A 89 -1.28 -9.80 -9.19
N VAL A 90 -2.30 -9.36 -8.47
CA VAL A 90 -3.42 -8.64 -9.03
C VAL A 90 -3.31 -7.15 -8.78
N GLU A 91 -3.18 -6.36 -9.83
CA GLU A 91 -3.12 -4.91 -9.62
C GLU A 91 -4.58 -4.60 -9.65
N PRO A 92 -5.11 -4.19 -8.50
CA PRO A 92 -6.54 -3.88 -8.34
C PRO A 92 -7.25 -2.74 -9.06
N GLY A 93 -6.53 -1.75 -9.56
CA GLY A 93 -7.25 -0.67 -10.21
C GLY A 93 -7.21 -0.81 -11.71
N VAL A 94 -8.37 -0.97 -12.33
CA VAL A 94 -8.44 -1.11 -13.79
C VAL A 94 -9.12 0.15 -14.29
N PRO A 95 -8.39 0.98 -15.06
CA PRO A 95 -8.85 2.23 -15.64
C PRO A 95 -9.72 2.09 -16.89
N CYS A 96 -10.29 3.20 -17.39
CA CYS A 96 -11.14 3.14 -18.58
C CYS A 96 -10.34 3.00 -19.87
N ARG A 97 -9.07 3.39 -19.82
CA ARG A 97 -8.17 3.28 -20.96
C ARG A 97 -8.51 4.24 -22.12
N ARG A 98 -9.40 5.20 -21.90
CA ARG A 98 -9.81 6.09 -23.00
C ARG A 98 -9.93 7.55 -22.58
N CYS A 99 -9.71 7.88 -21.33
CA CYS A 99 -9.82 9.28 -21.02
C CYS A 99 -8.41 9.94 -21.20
N GLN A 100 -8.31 11.24 -20.97
CA GLN A 100 -7.00 11.90 -21.11
C GLN A 100 -6.02 11.41 -20.04
N PHE A 101 -6.52 11.04 -18.84
CA PHE A 101 -5.59 10.56 -17.80
C PHE A 101 -4.98 9.23 -18.19
N CYS A 102 -5.77 8.34 -18.79
CA CYS A 102 -5.22 7.04 -19.21
C CYS A 102 -4.29 7.24 -20.44
N LYS A 103 -4.67 8.10 -21.37
CA LYS A 103 -3.84 8.29 -22.58
C LYS A 103 -2.51 8.95 -22.24
N GLU A 104 -2.52 9.76 -21.19
CA GLU A 104 -1.31 10.42 -20.77
C GLU A 104 -0.45 9.63 -19.80
N GLY A 105 -0.79 8.39 -19.54
CA GLY A 105 0.02 7.63 -18.60
C GLY A 105 -0.27 7.87 -17.12
N LYS A 106 -1.45 8.41 -16.81
CA LYS A 106 -1.81 8.62 -15.40
C LYS A 106 -3.07 7.83 -15.14
N TYR A 107 -3.05 6.53 -15.39
CA TYR A 107 -4.31 5.81 -15.22
C TYR A 107 -4.83 5.71 -13.77
N ASN A 108 -3.96 5.85 -12.77
CA ASN A 108 -4.41 5.82 -11.36
C ASN A 108 -5.33 7.00 -11.09
N LEU A 109 -5.36 7.99 -11.97
CA LEU A 109 -6.25 9.14 -11.76
C LEU A 109 -7.48 9.05 -12.66
N CYS A 110 -7.61 7.98 -13.40
CA CYS A 110 -8.76 7.84 -14.28
C CYS A 110 -10.06 8.08 -13.50
N PRO A 111 -10.96 8.89 -14.02
CA PRO A 111 -12.20 9.09 -13.22
C PRO A 111 -13.14 7.87 -13.19
N ASP A 112 -13.03 6.97 -14.17
CA ASP A 112 -13.89 5.80 -14.19
C ASP A 112 -13.08 4.58 -13.78
N LEU A 113 -12.09 4.81 -12.93
CA LEU A 113 -11.29 3.70 -12.45
C LEU A 113 -12.18 2.75 -11.63
N THR A 114 -12.01 1.44 -11.81
CA THR A 114 -12.78 0.52 -10.96
C THR A 114 -11.72 -0.07 -10.03
N PHE A 115 -11.79 0.25 -8.75
CA PHE A 115 -10.80 -0.31 -7.82
C PHE A 115 -11.44 -1.39 -6.90
N CYS A 116 -10.87 -2.61 -6.88
CA CYS A 116 -11.37 -3.72 -6.05
C CYS A 116 -11.69 -3.33 -4.60
N ALA A 117 -12.94 -3.50 -4.17
CA ALA A 117 -13.36 -3.22 -2.78
C ALA A 117 -13.57 -1.74 -2.44
N THR A 118 -13.78 -0.94 -3.49
CA THR A 118 -14.06 0.50 -3.36
C THR A 118 -15.47 0.51 -3.94
N PRO A 119 -16.49 0.70 -3.09
CA PRO A 119 -17.86 0.70 -3.61
C PRO A 119 -17.93 1.57 -4.86
N PRO A 120 -18.68 1.13 -5.89
CA PRO A 120 -19.46 -0.12 -5.95
C PRO A 120 -18.77 -1.37 -6.50
N ASP A 121 -17.44 -1.37 -6.63
CA ASP A 121 -16.77 -2.54 -7.22
C ASP A 121 -16.25 -3.63 -6.27
N ASP A 122 -16.71 -4.85 -6.54
CA ASP A 122 -16.35 -6.04 -5.74
C ASP A 122 -14.85 -6.33 -5.72
N GLY A 123 -14.39 -6.77 -4.55
CA GLY A 123 -13.00 -7.10 -4.35
C GLY A 123 -12.68 -8.55 -4.60
N ASN A 124 -11.53 -9.01 -4.13
CA ASN A 124 -11.18 -10.38 -4.45
C ASN A 124 -10.92 -11.30 -3.24
N LEU A 125 -11.54 -11.00 -2.08
CA LEU A 125 -11.34 -11.86 -0.92
C LEU A 125 -12.44 -12.88 -1.13
N ALA A 126 -12.15 -13.85 -1.98
CA ALA A 126 -13.09 -14.90 -2.37
C ALA A 126 -12.18 -16.01 -2.91
N ARG A 127 -12.77 -17.17 -3.23
CA ARG A 127 -11.96 -18.30 -3.71
C ARG A 127 -11.61 -18.09 -5.16
N TYR A 128 -12.55 -17.50 -5.88
CA TYR A 128 -12.37 -17.23 -7.29
C TYR A 128 -12.63 -15.78 -7.62
N TYR A 129 -11.91 -15.30 -8.63
CA TYR A 129 -12.02 -13.91 -9.05
C TYR A 129 -11.61 -13.76 -10.50
N VAL A 130 -12.29 -12.90 -11.21
CA VAL A 130 -12.00 -12.63 -12.61
C VAL A 130 -11.37 -11.20 -12.67
N HIS A 131 -10.34 -11.00 -13.51
CA HIS A 131 -9.68 -9.67 -13.57
C HIS A 131 -9.07 -9.45 -14.95
N ALA A 132 -8.97 -8.18 -15.37
CA ALA A 132 -8.37 -7.85 -16.69
C ALA A 132 -6.98 -8.44 -16.73
N ALA A 133 -6.67 -9.16 -17.79
CA ALA A 133 -5.40 -9.83 -17.95
C ALA A 133 -4.19 -8.94 -17.94
N ASP A 134 -4.31 -7.74 -18.49
CA ASP A 134 -3.16 -6.87 -18.51
C ASP A 134 -2.83 -6.31 -17.11
N PHE A 135 -3.69 -6.58 -16.13
CA PHE A 135 -3.40 -6.08 -14.78
C PHE A 135 -3.11 -7.23 -13.85
N CYS A 136 -2.65 -8.35 -14.40
CA CYS A 136 -2.28 -9.49 -13.61
C CYS A 136 -0.83 -9.70 -14.02
N HIS A 137 0.09 -9.53 -13.07
CA HIS A 137 1.51 -9.65 -13.35
C HIS A 137 2.07 -11.04 -13.00
N LYS A 138 2.53 -11.74 -14.04
CA LYS A 138 3.04 -13.08 -13.88
C LYS A 138 4.19 -13.07 -12.93
N LEU A 139 4.23 -14.05 -12.04
CA LEU A 139 5.32 -14.15 -11.06
C LEU A 139 6.34 -15.18 -11.50
N PRO A 140 7.63 -14.95 -11.18
CA PRO A 140 8.78 -15.81 -11.48
C PRO A 140 8.75 -16.92 -10.45
N ASP A 141 9.48 -17.99 -10.69
CA ASP A 141 9.52 -19.14 -9.76
C ASP A 141 9.98 -18.77 -8.35
N ASN A 142 10.88 -17.82 -8.21
CA ASN A 142 11.33 -17.49 -6.88
C ASN A 142 10.47 -16.46 -6.15
N VAL A 143 9.31 -16.10 -6.68
CA VAL A 143 8.45 -15.17 -5.94
C VAL A 143 7.14 -15.91 -5.60
N SER A 144 6.92 -16.12 -4.32
CA SER A 144 5.73 -16.82 -3.86
C SER A 144 4.45 -16.00 -4.00
N LEU A 145 3.32 -16.69 -4.01
CA LEU A 145 2.03 -16.03 -4.14
C LEU A 145 1.82 -15.08 -3.00
N GLU A 146 2.34 -15.42 -1.83
CA GLU A 146 2.19 -14.54 -0.70
C GLU A 146 2.93 -13.21 -0.98
N GLU A 147 4.17 -13.32 -1.48
CA GLU A 147 4.93 -12.14 -1.84
C GLU A 147 4.18 -11.33 -2.90
N GLY A 148 3.56 -11.99 -3.88
CA GLY A 148 2.81 -11.28 -4.89
C GLY A 148 1.69 -10.44 -4.29
N ALA A 149 1.08 -10.95 -3.21
CA ALA A 149 -0.01 -10.19 -2.55
C ALA A 149 0.56 -8.94 -1.90
N LEU A 150 1.81 -9.03 -1.49
CA LEU A 150 2.44 -7.87 -0.87
C LEU A 150 2.97 -6.82 -1.92
N LEU A 151 2.82 -7.12 -3.21
CA LEU A 151 3.31 -6.17 -4.24
C LEU A 151 2.39 -4.95 -4.28
N GLU A 152 1.13 -5.10 -3.85
CA GLU A 152 0.18 -4.00 -3.85
C GLU A 152 0.68 -2.93 -2.89
N PRO A 153 0.98 -3.26 -1.62
CA PRO A 153 1.47 -2.15 -0.77
C PRO A 153 2.92 -1.74 -1.09
N LEU A 154 3.75 -2.67 -1.54
CA LEU A 154 5.12 -2.27 -1.90
C LEU A 154 5.06 -1.23 -3.09
N SER A 155 4.13 -1.43 -4.03
CA SER A 155 3.96 -0.52 -5.18
C SER A 155 3.59 0.90 -4.73
N VAL A 156 2.87 1.01 -3.60
CA VAL A 156 2.56 2.32 -3.07
C VAL A 156 3.87 2.96 -2.65
N GLY A 157 4.79 2.16 -2.13
CA GLY A 157 6.06 2.74 -1.76
C GLY A 157 6.90 3.09 -2.99
N VAL A 158 6.81 2.26 -4.03
CA VAL A 158 7.56 2.51 -5.22
C VAL A 158 7.03 3.81 -5.83
N HIS A 159 5.70 3.93 -5.87
CA HIS A 159 5.08 5.10 -6.45
C HIS A 159 5.52 6.35 -5.71
N ALA A 160 5.52 6.31 -4.38
CA ALA A 160 5.96 7.48 -3.62
C ALA A 160 7.43 7.78 -3.92
N CYS A 161 8.29 6.76 -4.03
CA CYS A 161 9.69 7.05 -4.32
C CYS A 161 9.88 7.66 -5.70
N ARG A 162 9.20 7.11 -6.70
CA ARG A 162 9.33 7.62 -8.05
C ARG A 162 8.76 8.99 -8.17
N ARG A 163 7.65 9.28 -7.53
CA ARG A 163 7.15 10.64 -7.67
C ARG A 163 8.12 11.63 -7.01
N ALA A 164 8.83 11.20 -5.96
CA ALA A 164 9.76 12.11 -5.29
C ALA A 164 11.13 12.06 -5.99
N GLY A 165 11.34 11.16 -6.93
CA GLY A 165 12.66 11.07 -7.56
C GLY A 165 13.72 10.45 -6.64
N VAL A 166 13.35 9.53 -5.74
CA VAL A 166 14.34 8.94 -4.84
C VAL A 166 15.45 8.23 -5.64
N GLN A 167 16.72 8.48 -5.34
CA GLN A 167 17.79 7.83 -6.11
C GLN A 167 19.12 7.87 -5.35
N LEU A 168 20.23 7.41 -5.96
CA LEU A 168 21.53 7.50 -5.27
C LEU A 168 21.77 8.97 -4.87
N GLY A 169 22.14 9.20 -3.61
CA GLY A 169 22.41 10.55 -3.16
C GLY A 169 21.19 11.14 -2.46
N THR A 170 20.03 10.47 -2.53
CA THR A 170 18.88 11.03 -1.84
C THR A 170 18.90 10.62 -0.37
N THR A 171 18.50 11.50 0.52
CA THR A 171 18.39 11.13 1.91
C THR A 171 16.90 11.18 2.16
N VAL A 172 16.33 10.09 2.63
CA VAL A 172 14.91 9.98 2.83
C VAL A 172 14.56 9.78 4.29
N LEU A 173 13.57 10.54 4.73
CA LEU A 173 13.08 10.42 6.07
C LEU A 173 11.68 9.84 5.98
N VAL A 174 11.48 8.67 6.55
CA VAL A 174 10.15 8.10 6.55
C VAL A 174 9.57 8.28 7.94
N ILE A 175 8.47 9.01 8.02
CA ILE A 175 7.80 9.21 9.29
C ILE A 175 6.72 8.12 9.47
N GLY A 176 6.91 7.27 10.48
CA GLY A 176 5.98 6.19 10.74
C GLY A 176 6.58 4.84 10.36
N ALA A 177 6.25 3.79 11.10
CA ALA A 177 6.77 2.47 10.81
C ALA A 177 5.68 1.43 10.74
N GLY A 178 4.46 1.86 10.41
CA GLY A 178 3.40 0.91 10.18
C GLY A 178 3.71 0.31 8.78
N PRO A 179 2.80 -0.51 8.21
CA PRO A 179 3.11 -1.09 6.89
C PRO A 179 3.51 -0.15 5.75
N ILE A 180 2.84 0.99 5.61
CA ILE A 180 3.18 1.91 4.54
C ILE A 180 4.59 2.51 4.75
N GLY A 181 4.92 2.82 6.00
CA GLY A 181 6.23 3.34 6.30
C GLY A 181 7.28 2.29 5.98
N LEU A 182 7.00 1.03 6.32
CA LEU A 182 7.96 -0.04 6.05
C LEU A 182 8.15 -0.27 4.54
N VAL A 183 7.10 -0.28 3.74
CA VAL A 183 7.36 -0.48 2.29
C VAL A 183 8.14 0.74 1.73
N SER A 184 7.89 1.94 2.27
CA SER A 184 8.65 3.11 1.83
C SER A 184 10.12 2.92 2.16
N VAL A 185 10.44 2.26 3.29
CA VAL A 185 11.84 2.05 3.64
C VAL A 185 12.44 1.11 2.63
N LEU A 186 11.73 0.01 2.39
CA LEU A 186 12.17 -1.00 1.42
C LEU A 186 12.36 -0.39 0.01
N ALA A 187 11.36 0.34 -0.49
CA ALA A 187 11.46 0.94 -1.82
C ALA A 187 12.60 1.98 -1.87
N ALA A 188 12.68 2.83 -0.87
CA ALA A 188 13.70 3.85 -0.84
C ALA A 188 15.12 3.25 -0.79
N LYS A 189 15.28 2.18 -0.02
CA LYS A 189 16.60 1.55 0.04
C LYS A 189 16.84 0.87 -1.30
N ALA A 190 15.81 0.23 -1.85
CA ALA A 190 16.01 -0.39 -3.14
C ALA A 190 16.39 0.68 -4.19
N TYR A 191 15.96 1.94 -4.01
CA TYR A 191 16.34 2.94 -4.99
C TYR A 191 17.69 3.55 -4.74
N GLY A 192 18.39 3.07 -3.72
CA GLY A 192 19.71 3.60 -3.47
C GLY A 192 19.78 4.73 -2.47
N ALA A 193 18.67 5.04 -1.81
CA ALA A 193 18.70 6.14 -0.86
C ALA A 193 19.29 5.79 0.49
N PHE A 194 19.59 6.84 1.25
CA PHE A 194 20.03 6.69 2.63
C PHE A 194 18.70 6.97 3.33
N VAL A 195 18.28 6.08 4.23
CA VAL A 195 17.01 6.23 4.91
C VAL A 195 17.02 6.34 6.44
N VAL A 196 16.23 7.28 6.95
CA VAL A 196 16.06 7.48 8.37
C VAL A 196 14.58 7.20 8.59
N CYS A 197 14.28 6.43 9.61
CA CYS A 197 12.92 6.07 9.90
C CYS A 197 12.60 6.44 11.34
N THR A 198 11.49 7.15 11.49
CA THR A 198 11.00 7.67 12.77
C THR A 198 9.64 7.07 13.12
N ALA A 199 9.44 6.68 14.37
CA ALA A 199 8.16 6.10 14.79
C ALA A 199 7.96 6.02 16.30
N ARG A 200 6.72 5.75 16.73
CA ARG A 200 6.41 5.66 18.15
C ARG A 200 6.84 4.37 18.79
N SER A 201 6.62 3.27 18.08
CA SER A 201 6.93 1.93 18.58
C SER A 201 8.35 1.44 18.34
N PRO A 202 9.07 1.13 19.44
CA PRO A 202 10.44 0.64 19.32
C PRO A 202 10.43 -0.70 18.61
N ARG A 203 9.33 -1.43 18.74
CA ARG A 203 9.28 -2.72 18.08
C ARG A 203 9.24 -2.63 16.56
N ARG A 204 8.40 -1.78 15.96
CA ARG A 204 8.46 -1.75 14.51
C ARG A 204 9.67 -1.03 13.96
N LEU A 205 10.32 -0.21 14.78
CA LEU A 205 11.51 0.45 14.28
C LEU A 205 12.53 -0.66 14.10
N GLU A 206 12.34 -1.73 14.85
CA GLU A 206 13.23 -2.87 14.74
C GLU A 206 13.03 -3.49 13.35
N VAL A 207 11.77 -3.62 12.92
CA VAL A 207 11.53 -4.15 11.58
C VAL A 207 12.10 -3.15 10.55
N ALA A 208 11.87 -1.86 10.78
CA ALA A 208 12.36 -0.84 9.87
C ALA A 208 13.87 -1.03 9.63
N LYS A 209 14.59 -1.33 10.72
CA LYS A 209 16.01 -1.55 10.60
C LYS A 209 16.29 -2.81 9.78
N ASN A 210 15.54 -3.87 10.04
CA ASN A 210 15.79 -5.05 9.25
C ASN A 210 15.40 -4.76 7.79
N CYS A 211 14.51 -3.80 7.58
CA CYS A 211 14.10 -3.41 6.23
C CYS A 211 15.24 -2.65 5.57
N GLY A 212 16.22 -2.23 6.36
CA GLY A 212 17.36 -1.53 5.79
C GLY A 212 17.50 -0.09 6.20
N ALA A 213 16.59 0.42 7.03
CA ALA A 213 16.73 1.80 7.46
C ALA A 213 18.16 1.99 8.05
N ASP A 214 18.85 3.07 7.68
CA ASP A 214 20.19 3.33 8.16
C ASP A 214 20.19 3.92 9.56
N VAL A 215 19.14 4.67 9.90
CA VAL A 215 19.02 5.24 11.22
C VAL A 215 17.56 5.13 11.63
N THR A 216 17.29 4.80 12.89
CA THR A 216 15.93 4.74 13.41
C THR A 216 15.86 5.60 14.68
N LEU A 217 14.71 6.19 14.95
CA LEU A 217 14.55 7.03 16.13
C LEU A 217 13.16 6.89 16.71
N VAL A 218 13.09 6.72 18.04
CA VAL A 218 11.80 6.64 18.68
C VAL A 218 11.36 8.09 18.78
N VAL A 219 10.20 8.40 18.19
CA VAL A 219 9.67 9.75 18.18
C VAL A 219 8.18 9.73 18.35
N ASP A 220 7.67 10.55 19.26
CA ASP A 220 6.23 10.64 19.48
C ASP A 220 5.92 12.10 19.74
N PRO A 221 5.47 12.81 18.70
CA PRO A 221 5.12 14.23 18.77
C PRO A 221 3.97 14.53 19.70
N ALA A 222 3.36 13.49 20.26
CA ALA A 222 2.29 13.74 21.22
C ALA A 222 2.94 13.99 22.58
N LYS A 223 4.20 13.60 22.71
CA LYS A 223 4.97 13.73 23.95
C LYS A 223 6.11 14.75 23.89
N GLU A 224 6.93 14.66 22.85
CA GLU A 224 8.06 15.56 22.70
C GLU A 224 7.73 16.74 21.81
N GLU A 225 8.31 17.90 22.09
CA GLU A 225 8.06 19.09 21.28
C GLU A 225 8.67 18.87 19.90
N GLU A 226 8.10 19.56 18.93
CA GLU A 226 8.55 19.47 17.55
C GLU A 226 10.01 19.91 17.45
N SER A 227 10.34 21.02 18.10
CA SER A 227 11.69 21.53 18.04
C SER A 227 12.78 20.53 18.41
N SER A 228 12.59 19.75 19.48
CA SER A 228 13.63 18.81 19.82
C SER A 228 13.56 17.57 18.96
N ILE A 229 12.37 17.24 18.45
CA ILE A 229 12.28 16.08 17.57
C ILE A 229 13.12 16.39 16.36
N ILE A 230 12.97 17.59 15.85
CA ILE A 230 13.73 17.98 14.70
C ILE A 230 15.23 17.90 14.93
N GLU A 231 15.73 18.55 15.99
CA GLU A 231 17.17 18.51 16.25
C GLU A 231 17.69 17.09 16.42
N ARG A 232 16.90 16.25 17.06
N ARG A 232 16.95 16.22 17.08
CA ARG A 232 17.32 14.88 17.25
CA ARG A 232 17.47 14.87 17.21
C ARG A 232 17.54 14.27 15.86
C ARG A 232 17.60 14.28 15.80
N ILE A 233 16.64 14.55 14.94
CA ILE A 233 16.73 14.01 13.57
C ILE A 233 17.89 14.66 12.83
N ARG A 234 18.05 15.97 12.97
CA ARG A 234 19.12 16.65 12.26
C ARG A 234 20.47 16.15 12.73
N SER A 235 20.56 15.87 14.03
CA SER A 235 21.83 15.41 14.57
C SER A 235 22.14 13.98 14.22
N ALA A 236 21.13 13.20 13.85
CA ALA A 236 21.34 11.80 13.52
C ALA A 236 21.85 11.55 12.11
N ILE A 237 21.89 12.60 11.31
CA ILE A 237 22.33 12.46 9.93
C ILE A 237 23.12 13.65 9.49
N GLY A 238 23.52 13.65 8.22
CA GLY A 238 24.28 14.77 7.71
C GLY A 238 23.35 15.95 7.46
N ASP A 239 23.04 16.16 6.18
CA ASP A 239 22.17 17.25 5.80
C ASP A 239 20.75 16.79 6.09
N LEU A 240 19.83 17.72 5.93
CA LEU A 240 18.44 17.43 6.12
C LEU A 240 18.05 16.51 4.96
N PRO A 241 17.04 15.66 5.18
CA PRO A 241 16.54 14.72 4.16
C PRO A 241 15.97 15.52 3.00
N ASN A 242 16.28 15.19 1.75
CA ASN A 242 15.68 15.99 0.70
C ASN A 242 14.31 15.45 0.29
N VAL A 243 13.97 14.28 0.83
CA VAL A 243 12.67 13.68 0.60
C VAL A 243 12.16 13.14 1.92
N THR A 244 11.00 13.63 2.33
CA THR A 244 10.36 13.16 3.51
C THR A 244 9.06 12.48 3.08
N ILE A 245 8.78 11.30 3.62
CA ILE A 245 7.59 10.58 3.30
C ILE A 245 6.76 10.46 4.54
N ASP A 246 5.68 11.22 4.62
CA ASP A 246 4.82 11.13 5.76
C ASP A 246 3.84 9.99 5.56
N CYS A 247 3.85 9.04 6.47
CA CYS A 247 2.95 7.91 6.37
C CYS A 247 1.92 7.94 7.48
N SER A 248 1.83 9.07 8.18
CA SER A 248 0.90 9.16 9.30
C SER A 248 -0.36 10.01 9.10
N GLY A 249 -0.32 10.99 8.20
CA GLY A 249 -1.50 11.82 8.01
C GLY A 249 -1.70 12.81 9.16
N ASN A 250 -0.95 12.60 10.24
CA ASN A 250 -1.05 13.46 11.41
C ASN A 250 -0.43 14.84 11.18
N GLU A 251 -1.17 15.89 11.54
CA GLU A 251 -0.68 17.24 11.32
C GLU A 251 0.63 17.62 12.05
N LYS A 252 0.91 17.01 13.20
CA LYS A 252 2.16 17.36 13.88
C LYS A 252 3.33 16.76 13.11
N CYS A 253 3.11 15.55 12.58
CA CYS A 253 4.10 14.88 11.76
C CYS A 253 4.29 15.61 10.44
N ILE A 254 3.21 16.16 9.88
CA ILE A 254 3.35 16.88 8.62
C ILE A 254 4.08 18.20 8.84
N THR A 255 3.84 18.78 10.01
CA THR A 255 4.46 20.05 10.34
C THR A 255 5.94 19.78 10.49
N ILE A 256 6.27 18.66 11.12
CA ILE A 256 7.67 18.31 11.28
C ILE A 256 8.28 18.08 9.90
N GLY A 257 7.55 17.34 9.06
CA GLY A 257 8.03 17.02 7.72
C GLY A 257 8.40 18.28 6.97
N ILE A 258 7.52 19.27 7.02
CA ILE A 258 7.75 20.56 6.40
C ILE A 258 8.97 21.28 7.00
N ASN A 259 9.14 21.17 8.31
CA ASN A 259 10.23 21.92 8.92
C ASN A 259 11.57 21.22 8.88
N ILE A 260 11.58 19.90 8.72
CA ILE A 260 12.85 19.18 8.69
C ILE A 260 13.33 18.93 7.26
N THR A 261 12.44 19.05 6.27
CA THR A 261 12.84 18.79 4.89
C THR A 261 13.82 19.81 4.33
N ARG A 262 14.84 19.35 3.61
CA ARG A 262 15.81 20.24 3.00
C ARG A 262 15.20 21.19 1.96
N THR A 263 15.74 22.40 1.90
CA THR A 263 15.30 23.41 0.94
C THR A 263 15.30 22.76 -0.44
N GLY A 264 14.25 23.01 -1.19
CA GLY A 264 14.13 22.47 -2.54
C GLY A 264 13.75 21.00 -2.57
N GLY A 265 13.55 20.41 -1.39
CA GLY A 265 13.24 18.99 -1.31
C GLY A 265 11.75 18.80 -1.42
N THR A 266 11.30 17.60 -1.07
N THR A 266 11.26 17.60 -1.11
CA THR A 266 9.91 17.26 -1.20
CA THR A 266 9.84 17.36 -1.22
C THR A 266 9.31 16.48 -0.03
C THR A 266 9.26 16.44 -0.14
N LEU A 267 8.04 16.74 0.24
CA LEU A 267 7.32 16.04 1.28
C LEU A 267 6.24 15.26 0.54
N MET A 268 6.30 13.93 0.61
CA MET A 268 5.34 13.08 -0.05
C MET A 268 4.28 12.72 0.98
N LEU A 269 3.01 12.94 0.64
CA LEU A 269 1.88 12.61 1.52
C LEU A 269 1.35 11.25 1.09
N VAL A 270 1.49 10.28 1.97
CA VAL A 270 1.03 8.93 1.66
C VAL A 270 0.11 8.42 2.77
N GLY A 271 0.14 9.11 3.91
CA GLY A 271 -0.68 8.73 5.06
C GLY A 271 -2.20 8.72 4.97
N MET A 272 -2.81 9.80 4.52
CA MET A 272 -4.26 9.95 4.43
C MET A 272 -4.69 10.52 5.79
N GLY A 273 -4.68 11.86 5.89
CA GLY A 273 -5.03 12.53 7.13
C GLY A 273 -6.44 12.33 7.64
N SER A 274 -6.79 13.13 8.65
CA SER A 274 -8.10 13.10 9.24
C SER A 274 -9.06 13.74 8.25
N GLN A 275 -9.05 15.07 8.20
CA GLN A 275 -9.92 15.78 7.28
C GLN A 275 -9.18 17.06 6.93
N MET A 276 -8.84 17.80 7.98
CA MET A 276 -8.11 19.06 7.89
C MET A 276 -6.89 18.95 8.78
N VAL A 277 -5.85 19.69 8.44
CA VAL A 277 -4.66 19.71 9.26
C VAL A 277 -4.25 21.17 9.33
N THR A 278 -3.68 21.55 10.46
CA THR A 278 -3.21 22.92 10.63
C THR A 278 -1.72 22.79 10.41
N VAL A 279 -1.22 23.34 9.32
CA VAL A 279 0.20 23.19 9.01
C VAL A 279 0.84 24.49 8.61
N PRO A 280 2.17 24.54 8.71
CA PRO A 280 2.93 25.74 8.36
C PRO A 280 3.33 25.85 6.90
N LEU A 281 2.34 25.87 5.99
CA LEU A 281 2.64 25.99 4.57
C LEU A 281 3.57 27.17 4.28
N VAL A 282 3.43 28.26 5.04
CA VAL A 282 4.30 29.43 4.82
C VAL A 282 5.79 29.02 4.85
N ASN A 283 6.17 28.16 5.80
CA ASN A 283 7.54 27.67 5.98
C ASN A 283 8.01 26.88 4.76
N ALA A 284 7.06 26.21 4.11
CA ALA A 284 7.38 25.42 2.94
C ALA A 284 7.73 26.34 1.77
N CYS A 285 6.89 27.35 1.60
CA CYS A 285 7.07 28.31 0.52
C CYS A 285 8.42 29.04 0.63
N ALA A 286 8.75 29.49 1.84
CA ALA A 286 10.00 30.21 2.10
C ALA A 286 11.25 29.43 1.69
N ARG A 287 11.13 28.11 1.46
CA ARG A 287 12.28 27.29 1.06
C ARG A 287 11.94 26.34 -0.12
N GLU A 288 10.90 26.71 -0.86
CA GLU A 288 10.44 25.92 -1.98
C GLU A 288 10.37 24.43 -1.72
N ILE A 289 9.73 24.04 -0.63
CA ILE A 289 9.53 22.61 -0.36
C ILE A 289 8.26 22.31 -1.17
N ASP A 290 8.27 21.25 -1.96
CA ASP A 290 7.09 20.87 -2.66
C ASP A 290 6.36 19.81 -1.83
N ILE A 291 5.03 19.83 -1.86
CA ILE A 291 4.26 18.84 -1.15
C ILE A 291 3.50 18.03 -2.21
N LYS A 292 3.85 16.76 -2.36
CA LYS A 292 3.23 15.91 -3.38
C LYS A 292 2.47 14.76 -2.79
N SER A 293 1.31 14.49 -3.37
CA SER A 293 0.45 13.41 -2.94
C SER A 293 0.80 12.18 -3.74
N VAL A 294 0.51 11.03 -3.16
CA VAL A 294 0.79 9.77 -3.80
C VAL A 294 -0.55 9.07 -3.76
N PHE A 295 -1.09 8.68 -4.90
CA PHE A 295 -2.36 7.99 -4.87
C PHE A 295 -2.21 6.60 -5.47
N ARG A 296 -2.04 5.61 -4.60
CA ARG A 296 -1.87 4.24 -5.04
C ARG A 296 -0.62 4.08 -5.89
N TYR A 297 -0.78 3.68 -7.16
CA TYR A 297 0.34 3.40 -8.03
C TYR A 297 -0.05 3.49 -9.50
N CYS A 298 0.98 3.59 -10.34
CA CYS A 298 0.83 3.75 -11.78
C CYS A 298 2.07 3.14 -12.44
N ASN A 299 1.90 2.00 -13.09
CA ASN A 299 3.03 1.36 -13.72
C ASN A 299 4.14 1.08 -12.71
N ASP A 300 3.77 0.91 -11.44
CA ASP A 300 4.76 0.61 -10.40
C ASP A 300 4.91 -0.89 -10.10
N TYR A 301 3.82 -1.63 -10.26
CA TYR A 301 3.89 -3.06 -10.06
C TYR A 301 5.10 -3.79 -10.61
N PRO A 302 5.45 -3.57 -11.90
CA PRO A 302 6.62 -4.29 -12.43
C PRO A 302 7.92 -4.01 -11.68
N ILE A 303 8.05 -2.79 -11.17
CA ILE A 303 9.25 -2.44 -10.43
C ILE A 303 9.17 -3.15 -9.07
N ALA A 304 8.01 -3.14 -8.44
CA ALA A 304 7.91 -3.80 -7.13
C ALA A 304 8.28 -5.26 -7.28
N LEU A 305 7.76 -5.88 -8.33
CA LEU A 305 8.03 -7.28 -8.58
C LEU A 305 9.53 -7.47 -8.78
N GLU A 306 10.16 -6.60 -9.57
CA GLU A 306 11.61 -6.75 -9.78
C GLU A 306 12.37 -6.57 -8.48
N MET A 307 11.90 -5.69 -7.57
CA MET A 307 12.61 -5.53 -6.30
C MET A 307 12.55 -6.86 -5.49
N VAL A 308 11.39 -7.49 -5.47
CA VAL A 308 11.27 -8.75 -4.71
C VAL A 308 12.00 -9.91 -5.42
N ALA A 309 11.84 -10.02 -6.74
CA ALA A 309 12.46 -11.10 -7.53
C ALA A 309 13.99 -11.10 -7.53
N SER A 310 14.59 -9.91 -7.52
CA SER A 310 16.04 -9.81 -7.51
C SER A 310 16.60 -9.90 -6.08
N GLY A 311 15.72 -9.98 -5.08
CA GLY A 311 16.21 -10.07 -3.71
C GLY A 311 16.48 -8.74 -3.02
N ARG A 312 16.05 -7.62 -3.60
CA ARG A 312 16.31 -6.31 -2.94
C ARG A 312 15.34 -5.97 -1.83
N CYS A 313 14.19 -6.62 -1.82
CA CYS A 313 13.18 -6.33 -0.84
C CYS A 313 12.58 -7.60 -0.30
N ASN A 314 12.70 -7.77 1.00
CA ASN A 314 12.12 -8.89 1.70
C ASN A 314 10.80 -8.29 2.15
N VAL A 315 9.69 -8.66 1.51
CA VAL A 315 8.42 -8.12 1.97
C VAL A 315 7.71 -9.15 2.84
N LYS A 316 8.13 -10.41 2.74
CA LYS A 316 7.50 -11.49 3.51
C LYS A 316 7.60 -11.23 5.01
N GLN A 317 8.68 -10.61 5.47
CA GLN A 317 8.83 -10.33 6.89
C GLN A 317 7.75 -9.38 7.39
N LEU A 318 6.92 -8.87 6.48
CA LEU A 318 5.88 -7.92 6.87
C LEU A 318 4.63 -8.61 7.39
N VAL A 319 4.46 -9.86 7.02
CA VAL A 319 3.28 -10.56 7.49
C VAL A 319 3.43 -10.96 8.98
N THR A 320 2.67 -10.33 9.89
CA THR A 320 2.77 -10.70 11.30
C THR A 320 1.70 -11.75 11.64
N HIS A 321 0.55 -11.67 10.98
CA HIS A 321 -0.55 -12.59 11.22
C HIS A 321 -1.05 -13.22 9.93
N SER A 322 -1.42 -14.50 10.01
CA SER A 322 -1.94 -15.22 8.86
C SER A 322 -3.25 -15.88 9.32
N PHE A 323 -4.29 -15.82 8.49
CA PHE A 323 -5.59 -16.41 8.78
C PHE A 323 -6.08 -17.04 7.47
N LYS A 324 -6.98 -18.01 7.61
CA LYS A 324 -7.60 -18.66 6.47
C LYS A 324 -8.84 -17.79 6.14
N LEU A 325 -9.42 -18.00 4.97
CA LEU A 325 -10.58 -17.24 4.57
C LEU A 325 -11.73 -17.40 5.58
N GLU A 326 -11.89 -18.61 6.13
CA GLU A 326 -12.95 -18.81 7.11
C GLU A 326 -12.80 -17.88 8.34
N GLN A 327 -11.58 -17.47 8.66
CA GLN A 327 -11.36 -16.59 9.82
C GLN A 327 -11.23 -15.10 9.49
N THR A 328 -11.78 -14.70 8.35
CA THR A 328 -11.71 -13.31 7.91
C THR A 328 -12.08 -12.30 8.99
N VAL A 329 -13.19 -12.53 9.70
CA VAL A 329 -13.59 -11.57 10.74
C VAL A 329 -12.53 -11.44 11.80
N ASP A 330 -11.90 -12.55 12.16
CA ASP A 330 -10.83 -12.50 13.14
C ASP A 330 -9.69 -11.70 12.52
N ALA A 331 -9.45 -11.90 11.22
CA ALA A 331 -8.35 -11.18 10.55
C ALA A 331 -8.61 -9.70 10.66
N PHE A 332 -9.81 -9.26 10.29
CA PHE A 332 -10.11 -7.83 10.39
C PHE A 332 -10.00 -7.34 11.83
N GLU A 333 -10.37 -8.16 12.80
CA GLU A 333 -10.25 -7.69 14.18
C GLU A 333 -8.78 -7.45 14.51
N ALA A 334 -7.93 -8.41 14.15
CA ALA A 334 -6.49 -8.24 14.38
C ALA A 334 -6.02 -6.95 13.68
N ALA A 335 -6.56 -6.67 12.49
CA ALA A 335 -6.16 -5.45 11.78
C ALA A 335 -6.75 -4.21 12.44
N ARG A 336 -7.98 -4.31 12.91
CA ARG A 336 -8.62 -3.17 13.54
C ARG A 336 -7.89 -2.74 14.82
N LYS A 337 -7.48 -3.71 15.65
CA LYS A 337 -6.77 -3.42 16.91
C LYS A 337 -5.42 -2.72 16.76
N LYS A 338 -4.67 -3.05 15.72
CA LYS A 338 -3.36 -2.44 15.44
C LYS A 338 -2.34 -2.48 16.60
N ALA A 339 -2.04 -3.68 17.08
CA ALA A 339 -1.09 -3.85 18.17
C ALA A 339 0.35 -3.62 17.69
N ASP A 340 1.26 -3.29 18.63
CA ASP A 340 2.67 -3.07 18.29
C ASP A 340 3.29 -4.24 17.52
N ASN A 341 2.81 -5.45 17.78
CA ASN A 341 3.31 -6.63 17.10
C ASN A 341 2.59 -6.87 15.75
N THR A 342 1.63 -6.02 15.41
CA THR A 342 0.90 -6.20 14.17
C THR A 342 1.39 -5.31 13.03
N ILE A 343 1.78 -5.93 11.93
CA ILE A 343 2.19 -5.14 10.80
C ILE A 343 1.19 -5.42 9.70
N LYS A 344 1.39 -6.50 8.97
CA LYS A 344 0.46 -6.82 7.91
C LYS A 344 -0.29 -8.13 8.19
N VAL A 345 -1.62 -8.09 8.07
CA VAL A 345 -2.49 -9.26 8.28
C VAL A 345 -2.83 -9.84 6.91
N MET A 346 -2.55 -11.12 6.74
CA MET A 346 -2.74 -11.86 5.50
C MET A 346 -3.75 -13.03 5.62
N ILE A 347 -4.62 -13.13 4.62
CA ILE A 347 -5.64 -14.15 4.54
C ILE A 347 -5.38 -15.06 3.36
N SER A 348 -5.22 -16.35 3.61
CA SER A 348 -4.97 -17.32 2.54
C SER A 348 -6.30 -17.91 2.07
N CYS A 349 -6.43 -18.08 0.76
CA CYS A 349 -7.66 -18.54 0.16
C CYS A 349 -7.77 -19.93 -0.40
N ARG A 350 -6.68 -20.66 -0.58
CA ARG A 350 -6.86 -21.97 -1.18
C ARG A 350 -7.49 -22.97 -0.21
N GLN A 351 -8.56 -23.66 -0.63
CA GLN A 351 -9.25 -24.64 0.23
C GLN A 351 -8.37 -25.82 0.63
ZN ZN B . -9.45 6.68 -18.04
ZN ZN C . -4.79 -1.85 0.95
P PO4 D . 4.21 4.22 14.65
O1 PO4 D . 2.78 4.02 15.01
O2 PO4 D . 5.08 3.61 15.68
O3 PO4 D . 4.49 3.59 13.34
O4 PO4 D . 4.49 5.69 14.57
B BO3 E . 3.21 -20.68 -3.55
O1 BO3 E . 2.69 -21.62 -4.39
O2 BO3 E . 4.43 -20.20 -3.77
O3 BO3 E . 2.50 -20.26 -2.50
#